data_4ILV
#
_entry.id   4ILV
#
_cell.length_a   62.463
_cell.length_b   62.463
_cell.length_c   195.997
_cell.angle_alpha   90.000
_cell.angle_beta   90.000
_cell.angle_gamma   90.000
#
_symmetry.space_group_name_H-M   'P 43 21 2'
#
loop_
_entity.id
_entity.type
_entity.pdbx_description
1 polymer 'Intradiol ring-cleavage dioxygenase'
2 non-polymer 'FE (III) ION'
3 non-polymer 1,2-ETHANEDIOL
4 water water
#
_entity_poly.entity_id   1
_entity_poly.type   'polypeptide(L)'
_entity_poly.pdbx_seq_one_letter_code
;SVPLVAGGGAALARDTGAGAVPLAPTPACDDGDDPTPDQMEGPYFKPDSPPRTSLVTSSTPGVPLTVSGYVFGRACKPLT
GVLLDFWQADTGGAYDMTGFAFRGHQFTGADGSFTLRTIVPGLYPGRTRHIHVKAQAPGRPVLTTQLYFPGEPRNTTDAL
FDPALLMNVRSAGPGREGTFDFVLDVAQQPDPTDPPTDPPGGGGWAAGTTYRAGDRVTYGGGSYRCLQAHTAVAGWEPPL
VPALWERG
;
_entity_poly.pdbx_strand_id   A,B
#
# COMPACT_ATOMS: atom_id res chain seq x y z
N ASP A 34 -18.52 -5.83 -18.76
CA ASP A 34 -19.72 -5.85 -19.58
C ASP A 34 -20.94 -5.55 -18.71
N PRO A 35 -21.18 -4.25 -18.42
CA PRO A 35 -20.27 -3.13 -18.66
C PRO A 35 -19.47 -2.81 -17.42
N THR A 36 -18.28 -2.24 -17.61
CA THR A 36 -17.36 -1.96 -16.52
C THR A 36 -18.01 -1.16 -15.39
N PRO A 37 -18.06 -1.74 -14.18
CA PRO A 37 -18.70 -1.08 -13.04
C PRO A 37 -17.99 0.21 -12.67
N ASP A 38 -18.73 1.17 -12.13
CA ASP A 38 -18.11 2.42 -11.69
C ASP A 38 -17.74 2.37 -10.21
N GLN A 39 -16.82 3.22 -9.81
CA GLN A 39 -16.43 3.34 -8.40
C GLN A 39 -16.11 4.80 -8.09
N MET A 40 -15.94 5.11 -6.81
CA MET A 40 -15.69 6.49 -6.43
C MET A 40 -14.35 7.05 -6.93
N GLU A 41 -14.33 8.37 -7.08
CA GLU A 41 -13.16 9.10 -7.55
C GLU A 41 -12.03 9.11 -6.52
N GLY A 42 -12.38 9.36 -5.27
CA GLY A 42 -11.40 9.49 -4.21
C GLY A 42 -10.91 10.93 -4.11
N PRO A 43 -10.32 11.30 -2.96
CA PRO A 43 -9.86 12.68 -2.75
C PRO A 43 -8.65 13.05 -3.61
N TYR A 44 -7.95 12.06 -4.15
CA TYR A 44 -6.64 12.30 -4.79
C TYR A 44 -6.65 12.52 -6.30
N PHE A 45 -7.83 12.69 -6.89
CA PHE A 45 -7.89 13.05 -8.30
C PHE A 45 -7.48 14.51 -8.51
N LYS A 46 -6.80 14.77 -9.62
CA LYS A 46 -6.51 16.14 -10.04
C LYS A 46 -6.88 16.27 -11.52
N PRO A 47 -7.74 17.26 -11.84
CA PRO A 47 -8.08 17.48 -13.24
C PRO A 47 -6.84 17.99 -14.00
N ASP A 48 -6.92 17.96 -15.32
CA ASP A 48 -5.88 18.52 -16.20
C ASP A 48 -4.59 17.73 -16.21
N SER A 49 -4.68 16.41 -16.19
CA SER A 49 -3.50 15.56 -16.33
C SER A 49 -2.92 15.81 -17.72
N PRO A 50 -1.60 15.62 -17.88
CA PRO A 50 -0.96 15.77 -19.19
C PRO A 50 -1.26 14.57 -20.08
N PRO A 51 -1.14 14.73 -21.40
CA PRO A 51 -1.28 13.54 -22.24
C PRO A 51 0.01 12.71 -22.28
N ARG A 52 -0.07 11.47 -21.82
CA ARG A 52 1.04 10.52 -21.90
C ARG A 52 0.59 9.10 -21.59
N THR A 53 1.18 8.11 -22.26
CA THR A 53 0.86 6.72 -21.97
C THR A 53 1.87 6.13 -21.00
N SER A 54 3.01 6.80 -20.86
CA SER A 54 4.04 6.33 -19.93
C SER A 54 4.16 7.27 -18.73
N LEU A 55 4.10 6.70 -17.53
CA LEU A 55 4.17 7.51 -16.31
C LEU A 55 5.53 7.39 -15.65
N VAL A 56 6.41 6.55 -16.20
CA VAL A 56 7.66 6.22 -15.53
C VAL A 56 8.83 6.21 -16.49
N THR A 57 10.03 6.18 -15.91
CA THR A 57 11.24 5.93 -16.69
C THR A 57 11.95 4.72 -16.08
N SER A 58 13.12 4.39 -16.63
CA SER A 58 13.95 3.32 -16.09
C SER A 58 14.43 3.67 -14.68
N SER A 59 14.54 4.97 -14.41
CA SER A 59 15.00 5.48 -13.12
C SER A 59 13.89 5.61 -12.06
N THR A 60 12.63 5.48 -12.47
CA THR A 60 11.53 5.49 -11.52
C THR A 60 11.64 4.25 -10.64
N PRO A 61 11.64 4.44 -9.31
CA PRO A 61 11.66 3.29 -8.39
C PRO A 61 10.33 2.52 -8.41
N GLY A 62 10.40 1.19 -8.28
CA GLY A 62 9.20 0.38 -8.20
C GLY A 62 9.25 -0.79 -9.16
N VAL A 63 8.26 -1.67 -9.05
CA VAL A 63 8.15 -2.83 -9.93
C VAL A 63 7.47 -2.42 -11.24
N PRO A 64 8.20 -2.54 -12.37
CA PRO A 64 7.62 -2.14 -13.66
C PRO A 64 6.29 -2.85 -13.90
N LEU A 65 5.34 -2.11 -14.44
CA LEU A 65 4.03 -2.63 -14.76
C LEU A 65 3.56 -1.95 -16.04
N THR A 66 3.24 -2.75 -17.05
CA THR A 66 2.49 -2.24 -18.21
C THR A 66 1.09 -2.84 -18.17
N VAL A 67 0.08 -1.99 -18.24
CA VAL A 67 -1.30 -2.42 -18.32
C VAL A 67 -1.82 -2.11 -19.73
N SER A 68 -2.46 -3.09 -20.36
CA SER A 68 -3.00 -2.88 -21.71
C SER A 68 -4.33 -3.61 -21.93
N GLY A 69 -5.06 -3.22 -22.97
CA GLY A 69 -6.33 -3.85 -23.29
C GLY A 69 -7.08 -3.05 -24.34
N TYR A 70 -8.40 -3.19 -24.35
CA TYR A 70 -9.24 -2.50 -25.32
C TYR A 70 -10.44 -1.86 -24.64
N VAL A 71 -11.06 -0.90 -25.31
CA VAL A 71 -12.33 -0.36 -24.86
C VAL A 71 -13.41 -0.82 -25.85
N PHE A 72 -14.41 -1.57 -25.37
CA PHE A 72 -15.50 -2.02 -26.25
C PHE A 72 -16.76 -1.25 -25.91
N GLY A 73 -17.68 -1.18 -26.88
CA GLY A 73 -19.00 -0.65 -26.63
C GLY A 73 -20.00 -1.79 -26.48
N ARG A 74 -21.28 -1.46 -26.60
CA ARG A 74 -22.37 -2.40 -26.34
C ARG A 74 -22.41 -3.63 -27.25
N ALA A 75 -21.82 -3.52 -28.44
CA ALA A 75 -21.87 -4.66 -29.36
C ALA A 75 -20.55 -5.42 -29.45
N CYS A 76 -19.71 -5.28 -28.43
CA CYS A 76 -18.39 -5.93 -28.40
C CYS A 76 -17.50 -5.46 -29.56
N LYS A 77 -17.70 -4.22 -30.00
CA LYS A 77 -16.83 -3.69 -31.04
C LYS A 77 -15.96 -2.60 -30.44
N PRO A 78 -14.72 -2.48 -30.93
CA PRO A 78 -13.76 -1.55 -30.34
C PRO A 78 -14.25 -0.11 -30.46
N LEU A 79 -13.96 0.72 -29.47
CA LEU A 79 -14.35 2.13 -29.52
C LEU A 79 -13.14 3.04 -29.70
N THR A 80 -13.23 3.93 -30.67
CA THR A 80 -12.13 4.81 -31.01
C THR A 80 -12.31 6.18 -30.33
N GLY A 81 -11.19 6.84 -30.02
CA GLY A 81 -11.25 8.17 -29.43
C GLY A 81 -11.77 8.23 -28.01
N VAL A 82 -11.72 7.11 -27.30
CA VAL A 82 -12.12 7.13 -25.89
C VAL A 82 -11.02 7.74 -25.06
N LEU A 83 -11.39 8.69 -24.20
CA LEU A 83 -10.45 9.28 -23.23
C LEU A 83 -10.27 8.37 -22.01
N LEU A 84 -9.03 7.99 -21.73
CA LEU A 84 -8.69 7.26 -20.51
C LEU A 84 -7.69 8.08 -19.68
N ASP A 85 -8.10 8.44 -18.47
CA ASP A 85 -7.32 9.32 -17.60
C ASP A 85 -6.97 8.54 -16.35
N PHE A 86 -5.70 8.17 -16.24
CA PHE A 86 -5.23 7.32 -15.14
C PHE A 86 -4.56 8.13 -14.04
N TRP A 87 -4.76 7.73 -12.78
CA TRP A 87 -3.91 8.24 -11.71
C TRP A 87 -3.75 7.15 -10.62
N GLN A 88 -2.69 7.26 -9.82
CA GLN A 88 -2.33 6.18 -8.88
C GLN A 88 -1.26 6.63 -7.91
N ALA A 89 -1.07 5.85 -6.86
CA ALA A 89 0.01 6.12 -5.91
C ALA A 89 1.34 5.64 -6.49
N ASP A 90 2.44 6.20 -5.98
CA ASP A 90 3.76 5.74 -6.36
C ASP A 90 4.09 4.44 -5.62
N THR A 91 5.32 3.95 -5.77
CA THR A 91 5.67 2.65 -5.18
C THR A 91 5.55 2.65 -3.65
N GLY A 92 5.59 3.84 -3.06
CA GLY A 92 5.52 3.97 -1.62
C GLY A 92 4.14 4.33 -1.14
N GLY A 93 3.18 4.39 -2.05
CA GLY A 93 1.80 4.64 -1.69
C GLY A 93 1.40 6.10 -1.60
N ALA A 94 2.23 7.01 -2.10
CA ALA A 94 1.88 8.43 -2.05
C ALA A 94 1.34 8.95 -3.38
N TYR A 95 0.29 9.78 -3.32
CA TYR A 95 -0.21 10.47 -4.51
C TYR A 95 0.45 11.84 -4.59
N ASP A 96 0.66 12.33 -5.80
CA ASP A 96 1.27 13.66 -5.97
C ASP A 96 0.17 14.71 -6.03
N MET A 97 0.06 15.52 -4.97
CA MET A 97 -0.95 16.57 -4.92
C MET A 97 -0.44 17.94 -5.39
N THR A 98 0.87 18.09 -5.43
CA THR A 98 1.45 19.38 -5.82
C THR A 98 1.70 19.38 -7.33
N GLY A 99 2.17 18.24 -7.85
CA GLY A 99 2.33 18.08 -9.29
C GLY A 99 1.46 17.00 -9.91
N PHE A 100 1.95 16.40 -10.99
CA PHE A 100 1.17 15.42 -11.72
C PHE A 100 1.91 14.12 -11.94
N ALA A 101 2.88 13.84 -11.06
CA ALA A 101 3.53 12.54 -11.14
C ALA A 101 2.47 11.43 -11.01
N PHE A 102 2.60 10.40 -11.81
CA PHE A 102 1.66 9.28 -11.82
C PHE A 102 0.24 9.67 -12.15
N ARG A 103 0.13 10.71 -12.97
CA ARG A 103 -1.12 11.14 -13.56
C ARG A 103 -0.87 11.31 -15.06
N GLY A 104 -1.75 10.75 -15.89
CA GLY A 104 -1.62 10.91 -17.32
C GLY A 104 -2.81 10.34 -18.06
N HIS A 105 -3.19 10.97 -19.18
CA HIS A 105 -4.33 10.49 -19.96
C HIS A 105 -3.95 10.18 -21.40
N GLN A 106 -4.84 9.45 -22.08
CA GLN A 106 -4.63 9.03 -23.46
C GLN A 106 -5.96 8.79 -24.14
N PHE A 107 -5.93 8.62 -25.46
CA PHE A 107 -7.11 8.35 -26.26
C PHE A 107 -6.94 7.01 -26.98
N THR A 108 -8.00 6.23 -27.09
CA THR A 108 -7.89 4.95 -27.78
C THR A 108 -7.74 5.19 -29.26
N GLY A 109 -6.93 4.37 -29.92
CA GLY A 109 -6.73 4.49 -31.34
C GLY A 109 -7.82 3.80 -32.15
N ALA A 110 -7.54 3.63 -33.44
CA ALA A 110 -8.48 3.02 -34.36
C ALA A 110 -8.87 1.61 -33.91
N ASP A 111 -7.93 0.88 -33.34
CA ASP A 111 -8.21 -0.48 -32.91
C ASP A 111 -8.88 -0.54 -31.53
N GLY A 112 -9.08 0.62 -30.91
CA GLY A 112 -9.71 0.67 -29.60
C GLY A 112 -8.81 0.27 -28.45
N SER A 113 -7.51 0.18 -28.71
CA SER A 113 -6.57 -0.29 -27.68
C SER A 113 -6.05 0.83 -26.80
N PHE A 114 -5.57 0.47 -25.62
CA PHE A 114 -4.79 1.41 -24.78
C PHE A 114 -3.58 0.69 -24.19
N THR A 115 -2.59 1.47 -23.75
CA THR A 115 -1.44 0.97 -23.01
CA THR A 115 -1.43 0.97 -23.02
C THR A 115 -1.02 1.97 -21.96
N LEU A 116 -0.65 1.47 -20.79
CA LEU A 116 -0.18 2.32 -19.70
C LEU A 116 1.09 1.73 -19.13
N ARG A 117 2.21 2.45 -19.28
CA ARG A 117 3.45 2.00 -18.68
C ARG A 117 3.65 2.70 -17.34
N THR A 118 3.79 1.94 -16.27
CA THR A 118 3.79 2.55 -14.95
C THR A 118 4.59 1.66 -13.99
N ILE A 119 4.43 1.82 -12.68
CA ILE A 119 4.97 0.83 -11.74
C ILE A 119 3.82 0.34 -10.87
N VAL A 120 4.02 -0.77 -10.17
CA VAL A 120 2.96 -1.30 -9.33
C VAL A 120 2.73 -0.30 -8.21
N PRO A 121 1.49 0.22 -8.08
CA PRO A 121 1.27 1.20 -7.00
C PRO A 121 1.46 0.58 -5.62
N GLY A 122 1.98 1.38 -4.69
CA GLY A 122 2.18 0.92 -3.33
C GLY A 122 0.90 0.99 -2.52
N LEU A 123 0.87 0.22 -1.43
CA LEU A 123 -0.24 0.25 -0.49
C LEU A 123 -0.21 1.48 0.42
N TYR A 124 -1.39 1.95 0.79
CA TYR A 124 -1.55 3.05 1.74
C TYR A 124 -2.72 2.73 2.69
N PRO A 125 -2.92 3.56 3.76
CA PRO A 125 -3.87 3.07 4.77
C PRO A 125 -5.31 2.80 4.31
N GLY A 126 -5.82 1.64 4.70
CA GLY A 126 -7.20 1.29 4.51
C GLY A 126 -7.59 0.75 3.14
N ARG A 127 -6.67 0.76 2.18
CA ARG A 127 -7.06 0.36 0.82
C ARG A 127 -6.19 -0.78 0.29
N THR A 128 -6.82 -1.64 -0.49
CA THR A 128 -6.08 -2.62 -1.27
C THR A 128 -5.39 -1.90 -2.43
N ARG A 129 -4.57 -2.63 -3.17
CA ARG A 129 -3.81 -2.03 -4.27
C ARG A 129 -4.74 -1.71 -5.47
N HIS A 130 -4.57 -0.53 -6.07
CA HIS A 130 -5.46 -0.12 -7.17
C HIS A 130 -4.86 0.97 -8.05
N ILE A 131 -5.37 1.07 -9.27
CA ILE A 131 -5.09 2.19 -10.16
C ILE A 131 -6.41 2.86 -10.50
N HIS A 132 -6.47 4.19 -10.39
CA HIS A 132 -7.69 4.90 -10.71
C HIS A 132 -7.81 5.20 -12.20
N VAL A 133 -9.02 5.20 -12.73
CA VAL A 133 -9.22 5.55 -14.14
C VAL A 133 -10.58 6.20 -14.38
N LYS A 134 -10.58 7.26 -15.19
CA LYS A 134 -11.83 7.81 -15.73
C LYS A 134 -11.86 7.55 -17.24
N ALA A 135 -12.96 7.00 -17.73
CA ALA A 135 -13.14 6.70 -19.14
C ALA A 135 -14.28 7.50 -19.72
N GLN A 136 -14.06 8.14 -20.87
CA GLN A 136 -15.12 8.90 -21.51
C GLN A 136 -15.10 8.72 -23.01
N ALA A 137 -16.16 8.08 -23.52
CA ALA A 137 -16.39 7.97 -24.94
C ALA A 137 -16.85 9.34 -25.45
N PRO A 138 -16.49 9.69 -26.70
CA PRO A 138 -16.81 11.00 -27.26
C PRO A 138 -18.29 11.35 -27.12
N GLY A 139 -18.57 12.45 -26.44
CA GLY A 139 -19.93 12.95 -26.29
C GLY A 139 -20.76 12.22 -25.25
N ARG A 140 -20.10 11.40 -24.45
CA ARG A 140 -20.79 10.63 -23.42
C ARG A 140 -20.35 11.04 -22.02
N PRO A 141 -21.15 10.68 -21.00
CA PRO A 141 -20.74 10.88 -19.59
C PRO A 141 -19.45 10.16 -19.23
N VAL A 142 -18.77 10.66 -18.21
CA VAL A 142 -17.53 10.05 -17.76
C VAL A 142 -17.82 8.87 -16.85
N LEU A 143 -17.18 7.73 -17.11
CA LEU A 143 -17.18 6.63 -16.16
C LEU A 143 -15.97 6.75 -15.22
N THR A 144 -16.22 6.82 -13.91
CA THR A 144 -15.13 6.80 -12.92
C THR A 144 -15.04 5.44 -12.28
N THR A 145 -13.84 4.86 -12.25
CA THR A 145 -13.70 3.51 -11.73
C THR A 145 -12.28 3.21 -11.28
N GLN A 146 -12.04 1.97 -10.88
CA GLN A 146 -10.71 1.56 -10.44
C GLN A 146 -10.34 0.17 -10.97
N LEU A 147 -9.04 -0.11 -11.04
CA LEU A 147 -8.57 -1.44 -11.40
C LEU A 147 -7.86 -2.11 -10.24
N TYR A 148 -8.11 -3.39 -10.04
CA TYR A 148 -7.52 -4.13 -8.91
C TYR A 148 -6.57 -5.21 -9.39
N PHE A 149 -5.80 -5.75 -8.44
CA PHE A 149 -4.74 -6.72 -8.70
C PHE A 149 -5.12 -8.07 -8.13
N PRO A 150 -4.82 -9.15 -8.88
CA PRO A 150 -5.16 -10.50 -8.43
C PRO A 150 -4.27 -10.94 -7.27
N GLY A 151 -4.87 -11.63 -6.31
CA GLY A 151 -4.12 -12.29 -5.26
C GLY A 151 -3.64 -11.41 -4.12
N GLU A 152 -4.13 -10.17 -4.09
CA GLU A 152 -3.77 -9.25 -3.02
C GLU A 152 -4.53 -9.54 -1.73
N PRO A 153 -3.81 -9.77 -0.61
CA PRO A 153 -4.50 -10.03 0.65
C PRO A 153 -5.56 -8.97 0.98
N ARG A 154 -5.29 -7.71 0.67
CA ARG A 154 -6.25 -6.65 1.02
C ARG A 154 -7.54 -6.67 0.22
N ASN A 155 -7.60 -7.51 -0.81
CA ASN A 155 -8.87 -7.69 -1.53
C ASN A 155 -9.94 -8.29 -0.62
N THR A 156 -9.51 -8.97 0.44
CA THR A 156 -10.45 -9.54 1.40
C THR A 156 -10.80 -8.55 2.51
N THR A 157 -9.99 -7.51 2.68
CA THR A 157 -10.25 -6.56 3.75
C THR A 157 -10.91 -5.27 3.26
N ASP A 158 -10.69 -4.93 2.00
CA ASP A 158 -11.17 -3.67 1.45
C ASP A 158 -12.57 -3.84 0.87
N ALA A 159 -13.56 -3.26 1.56
CA ALA A 159 -14.96 -3.35 1.16
C ALA A 159 -15.22 -2.77 -0.24
N LEU A 160 -14.33 -1.90 -0.70
CA LEU A 160 -14.50 -1.29 -2.01
C LEU A 160 -14.12 -2.24 -3.14
N PHE A 161 -13.40 -3.31 -2.81
CA PHE A 161 -12.91 -4.24 -3.82
C PHE A 161 -14.05 -4.88 -4.58
N ASP A 162 -13.86 -5.05 -5.89
CA ASP A 162 -14.86 -5.68 -6.74
C ASP A 162 -14.15 -6.58 -7.75
N PRO A 163 -14.36 -7.90 -7.66
CA PRO A 163 -13.71 -8.86 -8.56
C PRO A 163 -13.97 -8.58 -10.04
N ALA A 164 -15.05 -7.87 -10.37
CA ALA A 164 -15.31 -7.50 -11.76
C ALA A 164 -14.29 -6.48 -12.27
N LEU A 165 -13.58 -5.83 -11.36
CA LEU A 165 -12.60 -4.82 -11.75
C LEU A 165 -11.17 -5.34 -11.62
N LEU A 166 -11.01 -6.67 -11.49
CA LEU A 166 -9.69 -7.29 -11.46
C LEU A 166 -9.06 -7.28 -12.84
N MET A 167 -7.80 -6.89 -12.90
CA MET A 167 -6.95 -7.11 -14.07
C MET A 167 -6.47 -8.55 -14.02
N ASN A 168 -6.09 -9.11 -15.18
CA ASN A 168 -5.20 -10.25 -15.20
C ASN A 168 -3.79 -9.69 -15.11
N VAL A 169 -2.93 -10.33 -14.33
CA VAL A 169 -1.56 -9.86 -14.17
C VAL A 169 -0.61 -11.03 -14.18
N ARG A 170 0.40 -10.98 -15.03
CA ARG A 170 1.39 -12.05 -15.06
C ARG A 170 2.80 -11.46 -15.03
N SER A 171 3.77 -12.27 -14.65
CA SER A 171 5.14 -11.80 -14.58
CA SER A 171 5.15 -11.81 -14.58
C SER A 171 5.72 -11.58 -15.97
N ALA A 172 6.57 -10.58 -16.06
CA ALA A 172 7.30 -10.25 -17.28
C ALA A 172 8.67 -9.75 -16.81
N GLY A 173 9.62 -10.66 -16.72
CA GLY A 173 10.94 -10.37 -16.19
C GLY A 173 10.88 -9.81 -14.78
N PRO A 174 11.62 -8.73 -14.53
CA PRO A 174 11.63 -8.14 -13.18
C PRO A 174 10.32 -7.41 -12.91
N GLY A 175 9.45 -7.28 -13.91
CA GLY A 175 8.20 -6.57 -13.75
C GLY A 175 6.97 -7.40 -14.04
N ARG A 176 5.85 -6.72 -14.29
CA ARG A 176 4.57 -7.39 -14.50
C ARG A 176 3.78 -6.79 -15.67
N GLU A 177 2.86 -7.60 -16.21
CA GLU A 177 2.01 -7.25 -17.34
C GLU A 177 0.55 -7.36 -16.94
N GLY A 178 -0.18 -6.25 -17.01
CA GLY A 178 -1.59 -6.26 -16.71
C GLY A 178 -2.47 -6.24 -17.96
N THR A 179 -3.59 -6.95 -17.88
CA THR A 179 -4.57 -7.06 -18.97
C THR A 179 -5.97 -6.74 -18.44
N PHE A 180 -6.64 -5.80 -19.08
CA PHE A 180 -7.99 -5.41 -18.69
C PHE A 180 -8.72 -4.77 -19.87
N ASP A 181 -9.95 -5.22 -20.11
CA ASP A 181 -10.79 -4.61 -21.13
C ASP A 181 -11.95 -3.84 -20.52
N PHE A 182 -12.21 -2.64 -21.03
CA PHE A 182 -13.36 -1.85 -20.60
C PHE A 182 -14.54 -2.16 -21.52
N VAL A 183 -15.74 -2.18 -20.96
CA VAL A 183 -16.96 -2.21 -21.75
C VAL A 183 -17.81 -1.03 -21.29
N LEU A 184 -18.03 -0.07 -22.19
CA LEU A 184 -18.80 1.13 -21.87
C LEU A 184 -20.20 1.05 -22.47
N ASP A 185 -21.15 1.70 -21.82
CA ASP A 185 -22.54 1.72 -22.26
C ASP A 185 -22.70 2.68 -23.45
N VAL A 186 -22.24 2.22 -24.62
CA VAL A 186 -22.28 2.99 -25.86
C VAL A 186 -22.86 2.12 -26.96
N ALA A 187 -24.00 2.53 -27.50
CA ALA A 187 -24.73 1.74 -28.51
C ALA A 187 -23.95 1.55 -29.81
N GLN A 188 -24.02 0.33 -30.34
CA GLN A 188 -23.32 -0.02 -31.57
C GLN A 188 -24.21 -0.83 -32.51
N ASP B 31 -0.08 -14.94 -3.25
CA ASP B 31 1.22 -15.57 -3.09
C ASP B 31 1.84 -15.19 -1.75
N GLY B 32 0.97 -14.78 -0.83
CA GLY B 32 1.39 -14.53 0.53
C GLY B 32 1.55 -15.83 1.29
N ASP B 33 2.41 -16.71 0.80
CA ASP B 33 2.96 -17.77 1.63
C ASP B 33 4.42 -17.37 1.86
N ASP B 34 4.63 -16.07 1.98
CA ASP B 34 5.94 -15.50 2.19
C ASP B 34 5.89 -14.74 3.51
N PRO B 35 5.86 -15.47 4.63
CA PRO B 35 5.55 -14.85 5.92
C PRO B 35 6.61 -13.86 6.40
N THR B 36 6.17 -12.90 7.20
CA THR B 36 7.00 -11.83 7.74
C THR B 36 8.23 -12.40 8.46
N PRO B 37 9.43 -12.00 8.00
CA PRO B 37 10.70 -12.47 8.56
C PRO B 37 10.85 -12.05 10.02
N ASP B 38 11.57 -12.85 10.78
CA ASP B 38 11.84 -12.55 12.17
C ASP B 38 13.17 -11.86 12.31
N GLN B 39 13.36 -11.15 13.43
CA GLN B 39 14.62 -10.49 13.73
C GLN B 39 14.88 -10.54 15.22
N MET B 40 16.06 -10.11 15.66
CA MET B 40 16.37 -10.22 17.09
C MET B 40 15.46 -9.34 17.94
N GLU B 41 15.28 -9.74 19.20
CA GLU B 41 14.45 -9.02 20.15
C GLU B 41 15.13 -7.72 20.61
N GLY B 42 16.43 -7.82 20.92
CA GLY B 42 17.21 -6.68 21.38
C GLY B 42 17.11 -6.49 22.89
N PRO B 43 18.08 -5.79 23.49
CA PRO B 43 18.08 -5.64 24.95
C PRO B 43 16.96 -4.77 25.52
N TYR B 44 16.31 -3.95 24.72
CA TYR B 44 15.40 -2.94 25.26
C TYR B 44 13.95 -3.39 25.38
N PHE B 45 13.69 -4.66 25.14
CA PHE B 45 12.33 -5.17 25.30
C PHE B 45 11.95 -5.23 26.77
N LYS B 46 10.68 -4.93 27.04
CA LYS B 46 10.09 -5.04 28.37
C LYS B 46 8.76 -5.78 28.31
N PRO B 47 8.63 -6.90 29.03
CA PRO B 47 7.34 -7.60 29.07
C PRO B 47 6.27 -6.82 29.83
N ASP B 48 5.01 -7.22 29.66
CA ASP B 48 3.88 -6.68 30.43
C ASP B 48 3.53 -5.22 30.11
N SER B 49 3.66 -4.84 28.85
CA SER B 49 3.25 -3.52 28.40
C SER B 49 1.74 -3.35 28.54
N PRO B 50 1.27 -2.11 28.72
CA PRO B 50 -0.16 -1.88 28.82
C PRO B 50 -0.85 -2.06 27.47
N PRO B 51 -2.16 -2.34 27.48
CA PRO B 51 -2.93 -2.40 26.24
C PRO B 51 -3.32 -0.99 25.79
N ARG B 52 -2.84 -0.60 24.62
CA ARG B 52 -3.17 0.70 24.05
C ARG B 52 -2.73 0.77 22.61
N THR B 53 -3.46 1.52 21.79
CA THR B 53 -3.09 1.70 20.39
C THR B 53 -2.38 3.02 20.25
N SER B 54 -2.57 3.91 21.23
CA SER B 54 -1.91 5.20 21.19
C SER B 54 -0.83 5.30 22.26
N LEU B 55 0.37 5.67 21.83
CA LEU B 55 1.51 5.81 22.74
C LEU B 55 1.81 7.28 23.04
N VAL B 56 1.07 8.19 22.41
CA VAL B 56 1.43 9.59 22.48
C VAL B 56 0.23 10.49 22.69
N THR B 57 0.50 11.75 23.00
CA THR B 57 -0.54 12.77 23.00
C THR B 57 -0.14 13.87 22.03
N SER B 58 -0.96 14.92 21.93
CA SER B 58 -0.65 16.08 21.11
C SER B 58 0.60 16.78 21.62
N SER B 59 0.86 16.68 22.92
CA SER B 59 2.00 17.33 23.55
C SER B 59 3.31 16.55 23.50
N THR B 60 3.25 15.27 23.13
CA THR B 60 4.44 14.44 23.03
C THR B 60 5.34 15.01 21.93
N PRO B 61 6.61 15.26 22.26
CA PRO B 61 7.52 15.78 21.23
C PRO B 61 7.84 14.75 20.16
N GLY B 62 8.00 15.22 18.92
CA GLY B 62 8.38 14.36 17.82
C GLY B 62 7.47 14.54 16.62
N VAL B 63 7.83 13.90 15.51
CA VAL B 63 7.01 13.91 14.30
C VAL B 63 5.92 12.85 14.42
N PRO B 64 4.66 13.29 14.41
CA PRO B 64 3.52 12.36 14.53
C PRO B 64 3.58 11.25 13.48
N LEU B 65 3.31 10.04 13.92
CA LEU B 65 3.32 8.89 13.03
C LEU B 65 2.23 7.92 13.44
N THR B 66 1.36 7.58 12.51
CA THR B 66 0.43 6.50 12.72
C THR B 66 0.80 5.34 11.80
N VAL B 67 1.01 4.17 12.38
CA VAL B 67 1.28 2.99 11.57
C VAL B 67 0.03 2.12 11.62
N SER B 68 -0.39 1.62 10.46
CA SER B 68 -1.57 0.78 10.42
C SER B 68 -1.47 -0.32 9.34
N GLY B 69 -2.31 -1.34 9.44
CA GLY B 69 -2.28 -2.42 8.48
C GLY B 69 -3.12 -3.61 8.90
N TYR B 70 -2.76 -4.79 8.40
CA TYR B 70 -3.51 -6.00 8.73
C TYR B 70 -2.59 -7.15 9.05
N VAL B 71 -3.13 -8.17 9.73
CA VAL B 71 -2.41 -9.41 9.94
C VAL B 71 -3.11 -10.53 9.17
N PHE B 72 -2.39 -11.16 8.25
CA PHE B 72 -2.95 -12.23 7.43
C PHE B 72 -2.34 -13.57 7.79
N GLY B 73 -3.06 -14.65 7.50
CA GLY B 73 -2.51 -15.99 7.60
C GLY B 73 -2.12 -16.55 6.24
N ARG B 74 -1.87 -17.86 6.19
CA ARG B 74 -1.38 -18.53 4.98
C ARG B 74 -2.34 -18.44 3.81
N ALA B 75 -3.62 -18.21 4.08
CA ALA B 75 -4.59 -18.18 3.00
C ALA B 75 -4.95 -16.76 2.59
N CYS B 76 -4.09 -15.81 2.97
CA CYS B 76 -4.30 -14.40 2.62
C CYS B 76 -5.65 -13.91 3.18
N LYS B 77 -6.07 -14.50 4.29
CA LYS B 77 -7.27 -14.08 4.98
C LYS B 77 -6.93 -13.46 6.32
N PRO B 78 -7.72 -12.48 6.77
CA PRO B 78 -7.39 -11.76 7.99
C PRO B 78 -7.34 -12.69 9.19
N LEU B 79 -6.47 -12.39 10.15
CA LEU B 79 -6.37 -13.16 11.38
C LEU B 79 -6.89 -12.32 12.55
N THR B 80 -7.83 -12.86 13.30
CA THR B 80 -8.46 -12.12 14.37
C THR B 80 -7.87 -12.48 15.73
N GLY B 81 -7.87 -11.52 16.65
CA GLY B 81 -7.39 -11.74 18.00
C GLY B 81 -5.88 -11.89 18.12
N VAL B 82 -5.14 -11.36 17.14
CA VAL B 82 -3.69 -11.45 17.17
C VAL B 82 -3.08 -10.43 18.14
N LEU B 83 -2.16 -10.87 18.97
CA LEU B 83 -1.44 -9.95 19.84
C LEU B 83 -0.36 -9.23 19.07
N LEU B 84 -0.40 -7.89 19.06
CA LEU B 84 0.69 -7.08 18.53
C LEU B 84 1.24 -6.17 19.63
N ASP B 85 2.50 -6.38 19.99
CA ASP B 85 3.09 -5.66 21.11
C ASP B 85 4.25 -4.84 20.57
N PHE B 86 4.08 -3.52 20.55
CA PHE B 86 5.06 -2.62 19.95
C PHE B 86 5.92 -1.92 21.01
N TRP B 87 7.21 -1.72 20.71
CA TRP B 87 8.03 -0.80 21.48
C TRP B 87 9.04 -0.11 20.56
N GLN B 88 9.58 1.03 21.01
CA GLN B 88 10.42 1.89 20.17
C GLN B 88 11.10 2.96 21.02
N ALA B 89 12.06 3.64 20.43
CA ALA B 89 12.69 4.78 21.10
C ALA B 89 11.78 6.01 20.99
N ASP B 90 11.98 6.98 21.87
CA ASP B 90 11.28 8.26 21.77
C ASP B 90 11.96 9.09 20.68
N THR B 91 11.51 10.32 20.47
CA THR B 91 12.04 11.13 19.39
C THR B 91 13.55 11.38 19.52
N GLY B 92 14.08 11.24 20.74
CA GLY B 92 15.49 11.46 20.96
C GLY B 92 16.35 10.20 20.96
N GLY B 93 15.74 9.06 20.67
CA GLY B 93 16.47 7.81 20.58
C GLY B 93 16.63 7.05 21.89
N ALA B 94 15.88 7.44 22.92
CA ALA B 94 15.95 6.73 24.20
C ALA B 94 14.75 5.80 24.40
N TYR B 95 15.01 4.61 24.96
CA TYR B 95 13.95 3.67 25.37
C TYR B 95 13.68 3.82 26.87
N ASP B 96 12.45 3.54 27.30
CA ASP B 96 12.08 3.60 28.71
C ASP B 96 12.22 2.23 29.38
N MET B 97 13.25 2.06 30.22
CA MET B 97 13.46 0.80 30.92
C MET B 97 12.77 0.81 32.29
N THR B 98 12.40 1.99 32.76
CA THR B 98 11.82 2.13 34.10
C THR B 98 10.30 2.02 34.08
N GLY B 99 9.68 2.74 33.16
CA GLY B 99 8.23 2.70 33.02
C GLY B 99 7.88 2.02 31.72
N PHE B 100 6.80 2.47 31.10
CA PHE B 100 6.32 1.86 29.87
C PHE B 100 6.09 2.88 28.75
N ALA B 101 6.82 3.99 28.81
CA ALA B 101 6.75 4.97 27.73
C ALA B 101 7.09 4.32 26.39
N PHE B 102 6.29 4.63 25.38
CA PHE B 102 6.46 4.09 24.02
C PHE B 102 6.40 2.56 23.96
N ARG B 103 5.63 1.99 24.86
CA ARG B 103 5.39 0.55 24.86
C ARG B 103 3.88 0.31 24.97
N GLY B 104 3.36 -0.54 24.11
CA GLY B 104 1.94 -0.84 24.13
C GLY B 104 1.55 -1.99 23.20
N HIS B 105 0.56 -2.76 23.63
CA HIS B 105 0.08 -3.88 22.83
C HIS B 105 -1.40 -3.75 22.51
N GLN B 106 -1.85 -4.54 21.55
CA GLN B 106 -3.24 -4.52 21.11
C GLN B 106 -3.58 -5.85 20.47
N PHE B 107 -4.86 -6.05 20.21
CA PHE B 107 -5.33 -7.24 19.53
C PHE B 107 -6.07 -6.85 18.26
N THR B 108 -5.86 -7.59 17.18
CA THR B 108 -6.54 -7.30 15.93
C THR B 108 -8.03 -7.59 16.10
N GLY B 109 -8.86 -6.78 15.45
CA GLY B 109 -10.30 -6.98 15.48
C GLY B 109 -10.72 -8.02 14.44
N ALA B 110 -12.02 -8.10 14.19
CA ALA B 110 -12.56 -9.07 13.24
C ALA B 110 -11.98 -8.93 11.84
N ASP B 111 -11.69 -7.69 11.44
CA ASP B 111 -11.13 -7.41 10.12
C ASP B 111 -9.62 -7.63 10.06
N GLY B 112 -9.01 -7.99 11.19
CA GLY B 112 -7.59 -8.27 11.22
C GLY B 112 -6.71 -7.03 11.22
N SER B 113 -7.31 -5.86 11.44
CA SER B 113 -6.58 -4.61 11.35
C SER B 113 -5.87 -4.22 12.65
N PHE B 114 -4.83 -3.39 12.53
CA PHE B 114 -4.20 -2.77 13.69
C PHE B 114 -3.95 -1.31 13.39
N THR B 115 -3.75 -0.52 14.45
CA THR B 115 -3.36 0.88 14.32
C THR B 115 -2.49 1.26 15.50
N LEU B 116 -1.44 2.03 15.24
CA LEU B 116 -0.55 2.48 16.30
C LEU B 116 -0.27 3.95 16.11
N ARG B 117 -0.70 4.77 17.06
CA ARG B 117 -0.42 6.21 16.99
C ARG B 117 0.81 6.50 17.83
N THR B 118 1.81 7.08 17.20
CA THR B 118 3.08 7.29 17.89
C THR B 118 3.80 8.49 17.30
N ILE B 119 5.10 8.58 17.55
CA ILE B 119 5.95 9.54 16.85
C ILE B 119 7.08 8.78 16.17
N VAL B 120 7.75 9.42 15.22
CA VAL B 120 8.86 8.79 14.54
C VAL B 120 10.00 8.62 15.53
N PRO B 121 10.45 7.37 15.76
CA PRO B 121 11.55 7.14 16.71
C PRO B 121 12.86 7.79 16.27
N GLY B 122 13.65 8.26 17.23
CA GLY B 122 14.93 8.86 16.95
C GLY B 122 16.05 7.86 16.72
N LEU B 123 17.10 8.29 16.04
CA LEU B 123 18.26 7.44 15.83
C LEU B 123 19.07 7.32 17.13
N TYR B 124 19.72 6.18 17.29
CA TYR B 124 20.64 5.97 18.40
C TYR B 124 21.83 5.13 17.92
N PRO B 125 22.90 4.99 18.75
CA PRO B 125 24.12 4.42 18.16
C PRO B 125 24.02 3.02 17.53
N GLY B 126 24.59 2.88 16.34
CA GLY B 126 24.73 1.58 15.71
C GLY B 126 23.50 1.08 14.94
N ARG B 127 22.37 1.78 15.03
CA ARG B 127 21.16 1.26 14.41
C ARG B 127 20.50 2.24 13.47
N THR B 128 19.91 1.69 12.40
CA THR B 128 19.02 2.50 11.59
C THR B 128 17.68 2.72 12.32
N ARG B 129 16.83 3.55 11.76
CA ARG B 129 15.55 3.88 12.40
C ARG B 129 14.61 2.66 12.37
N HIS B 130 13.92 2.40 13.48
CA HIS B 130 13.05 1.21 13.52
C HIS B 130 12.03 1.27 14.65
N ILE B 131 10.97 0.47 14.50
CA ILE B 131 10.01 0.23 15.57
C ILE B 131 10.00 -1.28 15.81
N HIS B 132 10.06 -1.70 17.07
CA HIS B 132 10.03 -3.12 17.39
C HIS B 132 8.60 -3.65 17.49
N VAL B 133 8.40 -4.92 17.13
CA VAL B 133 7.07 -5.52 17.29
C VAL B 133 7.12 -7.03 17.52
N LYS B 134 6.28 -7.49 18.42
CA LYS B 134 6.02 -8.90 18.57
C LYS B 134 4.58 -9.15 18.14
N ALA B 135 4.39 -10.14 17.28
CA ALA B 135 3.08 -10.52 16.77
C ALA B 135 2.77 -11.94 17.21
N GLN B 136 1.60 -12.16 17.80
CA GLN B 136 1.25 -13.50 18.24
C GLN B 136 -0.20 -13.85 17.98
N ALA B 137 -0.42 -14.83 17.11
CA ALA B 137 -1.76 -15.35 16.90
C ALA B 137 -2.12 -16.09 18.17
N PRO B 138 -3.40 -16.04 18.58
CA PRO B 138 -3.79 -16.60 19.87
C PRO B 138 -3.30 -18.04 20.08
N GLY B 139 -2.45 -18.23 21.09
CA GLY B 139 -1.93 -19.54 21.45
C GLY B 139 -0.85 -20.08 20.52
N ARG B 140 -0.32 -19.22 19.65
CA ARG B 140 0.66 -19.67 18.65
C ARG B 140 2.04 -19.09 19.01
N PRO B 141 3.13 -19.63 18.43
CA PRO B 141 4.46 -19.07 18.73
C PRO B 141 4.58 -17.59 18.38
N VAL B 142 5.45 -16.89 19.09
CA VAL B 142 5.62 -15.46 18.90
C VAL B 142 6.56 -15.14 17.75
N LEU B 143 6.12 -14.26 16.86
CA LEU B 143 7.02 -13.67 15.87
C LEU B 143 7.59 -12.38 16.44
N THR B 144 8.91 -12.34 16.59
CA THR B 144 9.61 -11.13 17.01
C THR B 144 10.32 -10.54 15.79
N THR B 145 10.09 -9.26 15.54
CA THR B 145 10.68 -8.63 14.37
C THR B 145 10.76 -7.11 14.54
N GLN B 146 11.17 -6.42 13.49
CA GLN B 146 11.28 -4.97 13.48
C GLN B 146 10.72 -4.39 12.18
N LEU B 147 10.28 -3.14 12.21
CA LEU B 147 9.81 -2.46 11.01
C LEU B 147 10.72 -1.29 10.65
N TYR B 148 10.99 -1.13 9.37
CA TYR B 148 11.93 -0.10 8.93
C TYR B 148 11.32 1.04 8.11
N PHE B 149 12.08 2.11 7.95
CA PHE B 149 11.61 3.31 7.27
C PHE B 149 12.30 3.48 5.93
N PRO B 150 11.53 3.88 4.91
CA PRO B 150 12.08 4.02 3.57
C PRO B 150 13.01 5.22 3.48
N GLY B 151 14.10 5.06 2.72
CA GLY B 151 14.96 6.17 2.37
C GLY B 151 15.93 6.63 3.45
N GLU B 152 16.05 5.84 4.52
CA GLU B 152 16.99 6.18 5.59
C GLU B 152 18.41 5.82 5.19
N PRO B 153 19.32 6.80 5.24
CA PRO B 153 20.73 6.52 4.91
C PRO B 153 21.29 5.33 5.70
N ARG B 154 20.94 5.19 6.98
CA ARG B 154 21.47 4.08 7.78
CA ARG B 154 21.47 4.06 7.78
C ARG B 154 20.94 2.70 7.37
N ASN B 155 19.98 2.65 6.45
CA ASN B 155 19.53 1.36 5.91
C ASN B 155 20.68 0.68 5.15
N THR B 156 21.63 1.47 4.67
CA THR B 156 22.80 0.94 3.97
C THR B 156 23.93 0.54 4.93
N THR B 157 23.91 1.04 6.17
CA THR B 157 24.97 0.75 7.13
C THR B 157 24.58 -0.33 8.14
N ASP B 158 23.30 -0.48 8.38
CA ASP B 158 22.80 -1.39 9.41
C ASP B 158 22.60 -2.77 8.81
N ALA B 159 23.44 -3.72 9.19
CA ALA B 159 23.40 -5.09 8.67
C ALA B 159 22.07 -5.79 8.90
N LEU B 160 21.33 -5.35 9.91
CA LEU B 160 20.02 -5.94 10.23
C LEU B 160 18.92 -5.48 9.30
N PHE B 161 19.17 -4.43 8.52
CA PHE B 161 18.12 -3.89 7.67
C PHE B 161 17.64 -4.95 6.68
N ASP B 162 16.33 -5.04 6.51
CA ASP B 162 15.74 -6.00 5.57
C ASP B 162 14.58 -5.34 4.86
N PRO B 163 14.71 -5.15 3.53
CA PRO B 163 13.67 -4.49 2.73
C PRO B 163 12.32 -5.15 2.86
N ALA B 164 12.30 -6.42 3.20
CA ALA B 164 11.04 -7.13 3.38
C ALA B 164 10.30 -6.61 4.59
N LEU B 165 11.01 -5.91 5.48
CA LEU B 165 10.40 -5.34 6.68
C LEU B 165 10.20 -3.83 6.59
N LEU B 166 10.33 -3.29 5.38
CA LEU B 166 10.08 -1.88 5.14
C LEU B 166 8.60 -1.54 5.24
N MET B 167 8.27 -0.50 5.99
CA MET B 167 6.96 0.11 5.89
C MET B 167 6.90 0.98 4.64
N ASN B 168 5.70 1.17 4.10
CA ASN B 168 5.48 2.33 3.25
C ASN B 168 5.18 3.48 4.19
N VAL B 169 5.77 4.65 3.92
CA VAL B 169 5.54 5.82 4.76
C VAL B 169 5.35 7.05 3.90
N ARG B 170 4.25 7.76 4.10
CA ARG B 170 3.99 8.95 3.32
C ARG B 170 3.58 10.12 4.18
N SER B 171 3.67 11.32 3.62
CA SER B 171 3.26 12.52 4.33
C SER B 171 1.78 12.52 4.66
N ALA B 172 1.45 13.07 5.82
CA ALA B 172 0.07 13.25 6.19
C ALA B 172 0.00 14.51 7.04
N GLY B 173 -0.26 15.64 6.40
CA GLY B 173 -0.22 16.91 7.07
C GLY B 173 1.15 17.11 7.69
N PRO B 174 1.18 17.52 8.97
CA PRO B 174 2.45 17.80 9.66
C PRO B 174 3.22 16.52 10.00
N GLY B 175 2.58 15.36 9.85
CA GLY B 175 3.19 14.11 10.23
C GLY B 175 3.32 13.10 9.11
N ARG B 176 3.40 11.83 9.50
CA ARG B 176 3.59 10.74 8.56
C ARG B 176 2.63 9.58 8.86
N GLU B 177 2.36 8.77 7.83
CA GLU B 177 1.48 7.61 7.91
C GLU B 177 2.24 6.39 7.41
N GLY B 178 2.40 5.40 8.27
CA GLY B 178 3.10 4.19 7.90
C GLY B 178 2.12 3.07 7.59
N THR B 179 2.48 2.22 6.63
CA THR B 179 1.65 1.10 6.20
C THR B 179 2.47 -0.18 6.15
N PHE B 180 2.00 -1.23 6.84
CA PHE B 180 2.67 -2.53 6.87
C PHE B 180 1.68 -3.65 7.18
N ASP B 181 1.74 -4.73 6.39
CA ASP B 181 0.91 -5.92 6.62
C ASP B 181 1.78 -7.09 7.08
N PHE B 182 1.31 -7.83 8.10
CA PHE B 182 1.97 -9.04 8.55
C PHE B 182 1.37 -10.26 7.88
N VAL B 183 2.22 -11.23 7.59
CA VAL B 183 1.76 -12.55 7.17
C VAL B 183 2.38 -13.58 8.11
N LEU B 184 1.51 -14.24 8.89
CA LEU B 184 1.94 -15.24 9.87
C LEU B 184 1.69 -16.64 9.34
N ASP B 185 2.51 -17.58 9.78
CA ASP B 185 2.37 -18.96 9.37
C ASP B 185 1.22 -19.63 10.11
N VAL B 186 -0.01 -19.28 9.75
CA VAL B 186 -1.18 -19.85 10.40
C VAL B 186 -2.19 -20.32 9.37
N ALA B 187 -2.50 -21.62 9.38
CA ALA B 187 -3.51 -22.16 8.48
C ALA B 187 -4.88 -21.62 8.85
#